data_4PRV
#
_entry.id   4PRV
#
_cell.length_a   88.250
_cell.length_b   142.520
_cell.length_c   79.090
_cell.angle_alpha   90.00
_cell.angle_beta   90.00
_cell.angle_gamma   90.00
#
_symmetry.space_group_name_H-M   'C 2 2 21'
#
loop_
_entity.id
_entity.type
_entity.pdbx_description
1 polymer GyrB
2 non-polymer "ADENOSINE-5'-DIPHOSPHATE"
3 non-polymer 'MAGNESIUM ION'
4 water water
#
_entity_poly.entity_id   1
_entity_poly.type   'polypeptide(L)'
_entity_poly.pdbx_seq_one_letter_code
;MHHHHHHSNSYDSSSIKVLKGLDAVRKRPGMYIGDTDDGTGLHHMVFEVVDNAIDEALAGHCKEIIVTIHADNSVSVQDD
GRGIPTGIHPEEGVSAAEVIMTVLHAGGKFDDNSYKVSGGLHGVGVSVVNALSQKLELVIQREGKIHRQIYEHGVPQAPL
AVTGETEKTGTMVRFWPSLETFTNVTEFEYEILAKRLRELSFLNSGVSIRLRDKRDGKEDHFHYEGGIKAFVEYLNKNKT
PIHPNIFYFSTEKDGIGVEVALQWNDGFQENIYCFTNNIPQRDGGTHLAGFRAAMTRTLNAYMDKEGYSKKAKVSATGDD
AREGLIAVVSVKVPDPKFSSQTKDKLVSSEVKSAVEQQMNELLAEYLLENPTDAKIVVGKIIDAARAREAARRAREMT
;
_entity_poly.pdbx_strand_id   A
#
loop_
_chem_comp.id
_chem_comp.type
_chem_comp.name
_chem_comp.formula
ADP non-polymer ADENOSINE-5'-DIPHOSPHATE 'C10 H15 N5 O10 P2'
MG non-polymer 'MAGNESIUM ION' 'Mg 2'
#
# COMPACT_ATOMS: atom_id res chain seq x y z
N TYR A 11 -6.76 37.08 24.89
CA TYR A 11 -7.62 36.18 23.98
C TYR A 11 -8.68 36.90 23.16
N ASP A 12 -8.35 37.09 21.88
CA ASP A 12 -9.14 37.92 20.98
C ASP A 12 -8.73 37.50 19.56
N SER A 13 -9.03 38.34 18.59
CA SER A 13 -8.87 37.95 17.23
C SER A 13 -7.36 37.81 16.85
N SER A 14 -6.49 38.52 17.54
CA SER A 14 -5.06 38.35 17.27
C SER A 14 -4.55 37.03 17.83
N SER A 15 -5.31 36.32 18.69
CA SER A 15 -4.84 34.98 19.17
C SER A 15 -5.03 33.86 18.13
N ILE A 16 -5.72 34.17 17.03
CA ILE A 16 -6.08 33.17 16.05
C ILE A 16 -5.10 33.19 14.89
N LYS A 17 -4.31 32.14 14.80
CA LYS A 17 -3.27 32.05 13.78
C LYS A 17 -3.72 31.11 12.69
N VAL A 18 -3.48 31.46 11.43
CA VAL A 18 -3.65 30.53 10.29
C VAL A 18 -2.31 29.94 9.83
N LEU A 19 -2.21 28.62 9.70
CA LEU A 19 -0.97 28.04 9.19
C LEU A 19 -1.11 27.78 7.71
N LYS A 20 -0.26 28.38 6.87
CA LYS A 20 -0.40 28.20 5.40
C LYS A 20 0.63 27.24 4.79
N GLY A 21 0.28 26.72 3.63
CA GLY A 21 1.22 26.07 2.74
C GLY A 21 1.43 24.71 3.35
N LEU A 22 2.67 24.39 3.68
CA LEU A 22 3.01 23.13 4.37
C LEU A 22 3.30 23.32 5.86
N ASP A 23 3.09 24.53 6.38
CA ASP A 23 3.47 24.78 7.76
C ASP A 23 2.69 23.96 8.80
N ALA A 24 1.44 23.65 8.48
CA ALA A 24 0.56 22.89 9.40
C ALA A 24 1.11 21.47 9.58
N VAL A 25 1.67 20.92 8.48
CA VAL A 25 2.24 19.58 8.47
C VAL A 25 3.45 19.51 9.37
N ARG A 26 4.37 20.46 9.26
CA ARG A 26 5.50 20.56 10.17
C ARG A 26 5.04 20.79 11.61
N LYS A 27 4.02 21.62 11.83
CA LYS A 27 3.53 21.81 13.22
C LYS A 27 2.86 20.54 13.81
N ARG A 28 2.06 19.79 13.05
CA ARG A 28 1.36 18.63 13.57
C ARG A 28 1.54 17.39 12.65
N PRO A 29 2.77 16.87 12.56
CA PRO A 29 3.05 15.81 11.60
C PRO A 29 2.23 14.54 11.79
N GLY A 30 1.92 14.18 13.02
CA GLY A 30 1.30 12.88 13.32
C GLY A 30 -0.09 12.67 12.67
N MET A 31 -0.88 13.73 12.46
CA MET A 31 -2.18 13.52 11.85
C MET A 31 -2.04 13.21 10.37
N TYR A 32 -0.86 13.48 9.83
CA TYR A 32 -0.52 13.18 8.44
C TYR A 32 0.30 11.92 8.23
N ILE A 33 1.35 11.75 9.03
CA ILE A 33 2.39 10.76 8.78
C ILE A 33 2.39 9.62 9.82
N GLY A 34 1.69 9.80 10.93
CA GLY A 34 1.64 8.79 11.95
C GLY A 34 2.65 9.09 13.02
N ASP A 35 3.28 8.05 13.45
CA ASP A 35 4.21 8.09 14.59
C ASP A 35 5.60 8.55 14.17
N THR A 36 6.04 9.73 14.63
CA THR A 36 7.35 10.21 14.18
C THR A 36 8.51 9.89 15.14
N ASP A 37 8.27 8.95 16.04
CA ASP A 37 9.17 8.62 17.16
C ASP A 37 9.56 7.09 17.10
N ASP A 38 8.81 6.21 16.42
CA ASP A 38 9.12 4.75 16.46
C ASP A 38 9.62 4.14 15.17
N GLY A 39 9.94 4.99 14.20
CA GLY A 39 10.40 4.51 12.89
C GLY A 39 9.29 4.34 11.87
N THR A 40 8.03 4.18 12.30
CA THR A 40 6.91 3.76 11.41
C THR A 40 6.55 4.90 10.52
N GLY A 41 6.44 6.11 11.06
CA GLY A 41 6.18 7.28 10.19
C GLY A 41 7.35 7.59 9.28
N LEU A 42 8.58 7.53 9.79
CA LEU A 42 9.78 7.64 8.91
C LEU A 42 9.69 6.77 7.64
N HIS A 43 9.33 5.50 7.80
CA HIS A 43 9.29 4.56 6.67
C HIS A 43 8.05 4.77 5.80
N HIS A 44 6.99 5.24 6.43
CA HIS A 44 5.78 5.63 5.76
C HIS A 44 6.04 6.78 4.79
N MET A 45 7.01 7.63 5.10
CA MET A 45 7.54 8.59 4.09
C MET A 45 7.96 7.95 2.76
N VAL A 46 8.74 6.90 2.85
CA VAL A 46 9.04 6.13 1.66
C VAL A 46 7.78 5.54 0.98
N PHE A 47 6.91 4.95 1.77
CA PHE A 47 5.70 4.30 1.23
C PHE A 47 4.77 5.22 0.49
N GLU A 48 4.58 6.44 0.99
CA GLU A 48 3.85 7.49 0.27
C GLU A 48 4.42 7.71 -1.14
N VAL A 49 5.75 7.68 -1.28
CA VAL A 49 6.33 7.97 -2.55
C VAL A 49 6.21 6.78 -3.47
N VAL A 50 6.43 5.57 -2.91
CA VAL A 50 6.31 4.35 -3.62
C VAL A 50 4.86 4.13 -4.06
N ASP A 51 3.91 4.48 -3.20
CA ASP A 51 2.49 4.37 -3.55
C ASP A 51 2.11 5.17 -4.77
N ASN A 52 2.70 6.35 -4.93
CA ASN A 52 2.44 7.09 -6.12
C ASN A 52 2.96 6.41 -7.40
N ALA A 53 4.07 5.73 -7.31
CA ALA A 53 4.59 5.00 -8.42
C ALA A 53 3.68 3.85 -8.72
N ILE A 54 3.31 3.11 -7.66
CA ILE A 54 2.43 1.98 -7.80
C ILE A 54 1.13 2.35 -8.49
N ASP A 55 0.66 3.59 -8.30
CA ASP A 55 -0.61 4.01 -8.86
C ASP A 55 -0.43 4.22 -10.37
N GLU A 56 0.75 4.65 -10.80
CA GLU A 56 1.08 4.60 -12.27
C GLU A 56 1.07 3.19 -12.84
N ALA A 57 1.51 2.24 -12.05
CA ALA A 57 1.57 0.83 -12.47
C ALA A 57 0.18 0.22 -12.58
N LEU A 58 -0.64 0.45 -11.57
CA LEU A 58 -2.04 0.08 -11.63
C LEU A 58 -2.70 0.62 -12.86
N ALA A 59 -2.45 1.87 -13.18
CA ALA A 59 -2.99 2.45 -14.37
C ALA A 59 -2.36 1.86 -15.67
N GLY A 60 -1.35 1.00 -15.56
CA GLY A 60 -0.74 0.39 -16.75
C GLY A 60 0.48 1.12 -17.35
N HIS A 61 0.92 2.20 -16.74
CA HIS A 61 1.97 3.03 -17.33
C HIS A 61 3.38 2.78 -16.81
N CYS A 62 3.52 2.23 -15.62
CA CYS A 62 4.85 2.05 -15.04
C CYS A 62 5.11 0.58 -14.90
N LYS A 63 6.29 0.15 -15.34
CA LYS A 63 6.69 -1.27 -15.32
C LYS A 63 7.99 -1.49 -14.57
N GLU A 64 8.66 -0.43 -14.14
CA GLU A 64 9.77 -0.61 -13.24
C GLU A 64 9.82 0.44 -12.15
N ILE A 65 10.19 0.02 -10.94
CA ILE A 65 10.31 0.92 -9.82
C ILE A 65 11.61 0.58 -9.17
N ILE A 66 12.41 1.60 -8.90
CA ILE A 66 13.74 1.44 -8.27
C ILE A 66 13.73 2.30 -7.02
N VAL A 67 13.83 1.68 -5.86
N VAL A 67 13.82 1.62 -5.88
CA VAL A 67 13.98 2.43 -4.63
CA VAL A 67 13.94 2.28 -4.56
C VAL A 67 15.39 2.20 -4.12
C VAL A 67 15.42 2.15 -4.08
N THR A 68 16.06 3.29 -3.80
CA THR A 68 17.50 3.28 -3.42
C THR A 68 17.63 3.91 -2.10
N ILE A 69 18.26 3.20 -1.17
CA ILE A 69 18.70 3.83 0.06
C ILE A 69 20.16 4.34 -0.12
N HIS A 70 20.32 5.65 -0.10
CA HIS A 70 21.59 6.35 -0.39
C HIS A 70 22.46 6.41 0.83
N ALA A 71 23.76 6.58 0.61
CA ALA A 71 24.74 6.50 1.72
C ALA A 71 24.62 7.70 2.69
N ASP A 72 23.92 8.76 2.25
CA ASP A 72 23.72 9.95 3.09
C ASP A 72 22.34 9.94 3.80
N ASN A 73 21.79 8.74 4.02
CA ASN A 73 20.41 8.53 4.55
C ASN A 73 19.26 9.27 3.85
N SER A 74 19.34 9.40 2.54
CA SER A 74 18.22 9.85 1.79
C SER A 74 17.67 8.59 1.07
N VAL A 75 16.43 8.64 0.63
CA VAL A 75 15.86 7.58 -0.25
C VAL A 75 15.31 8.23 -1.51
N SER A 76 15.58 7.57 -2.65
CA SER A 76 15.01 7.91 -3.93
C SER A 76 14.09 6.82 -4.39
N VAL A 77 13.02 7.25 -5.06
CA VAL A 77 12.14 6.31 -5.77
C VAL A 77 12.05 6.77 -7.24
N GLN A 78 12.40 5.88 -8.15
CA GLN A 78 12.36 6.15 -9.56
C GLN A 78 11.28 5.24 -10.18
N ASP A 79 10.41 5.84 -10.99
CA ASP A 79 9.43 5.07 -11.78
C ASP A 79 9.52 5.46 -13.28
N ASP A 80 9.10 4.54 -14.12
CA ASP A 80 9.00 4.84 -15.55
C ASP A 80 7.51 5.09 -15.96
N GLY A 81 6.74 5.80 -15.11
CA GLY A 81 5.38 6.12 -15.45
C GLY A 81 5.35 7.37 -16.30
N ARG A 82 4.22 8.06 -16.34
CA ARG A 82 3.99 9.19 -17.22
C ARG A 82 4.71 10.46 -16.83
N GLY A 83 5.20 10.52 -15.57
CA GLY A 83 5.81 11.72 -15.05
C GLY A 83 4.74 12.63 -14.43
N ILE A 84 5.05 13.22 -13.28
CA ILE A 84 4.23 14.28 -12.69
C ILE A 84 4.10 15.43 -13.73
N PRO A 85 2.86 15.92 -14.00
CA PRO A 85 2.72 16.98 -15.00
C PRO A 85 3.60 18.18 -14.72
N THR A 86 4.17 18.76 -15.77
CA THR A 86 5.19 19.81 -15.64
C THR A 86 4.64 21.21 -16.02
N GLY A 87 3.70 21.27 -16.93
CA GLY A 87 3.07 22.51 -17.43
C GLY A 87 2.46 23.40 -16.36
N ILE A 88 2.54 24.71 -16.59
CA ILE A 88 2.06 25.74 -15.65
C ILE A 88 0.60 25.45 -15.40
N HIS A 89 0.22 25.53 -14.14
CA HIS A 89 -1.13 25.28 -13.70
C HIS A 89 -1.88 26.60 -13.92
N PRO A 90 -2.99 26.53 -14.68
CA PRO A 90 -3.79 27.71 -15.02
C PRO A 90 -4.09 28.53 -13.77
N GLU A 91 -4.88 27.94 -12.88
CA GLU A 91 -5.41 28.65 -11.72
C GLU A 91 -4.34 29.03 -10.70
N GLU A 92 -3.32 28.19 -10.52
CA GLU A 92 -2.34 28.40 -9.46
C GLU A 92 -1.13 29.16 -10.00
N GLY A 93 -0.91 29.11 -11.31
CA GLY A 93 0.08 29.98 -11.93
C GLY A 93 1.51 29.49 -11.76
N VAL A 94 1.71 28.27 -11.27
CA VAL A 94 3.07 27.72 -11.14
C VAL A 94 2.95 26.33 -11.71
N SER A 95 4.07 25.65 -11.88
CA SER A 95 4.01 24.36 -12.51
C SER A 95 3.13 23.45 -11.64
N ALA A 96 2.30 22.66 -12.30
CA ALA A 96 1.52 21.63 -11.68
C ALA A 96 2.36 20.76 -10.74
N ALA A 97 3.63 20.57 -11.08
CA ALA A 97 4.48 19.75 -10.24
C ALA A 97 4.70 20.47 -8.91
N GLU A 98 4.94 21.78 -8.98
CA GLU A 98 5.15 22.54 -7.76
C GLU A 98 3.86 22.58 -6.94
N VAL A 99 2.73 22.67 -7.64
CA VAL A 99 1.48 22.62 -6.94
C VAL A 99 1.37 21.31 -6.11
N ILE A 100 1.56 20.19 -6.78
CA ILE A 100 1.56 18.89 -6.13
C ILE A 100 2.46 18.81 -4.93
N MET A 101 3.65 19.38 -5.04
CA MET A 101 4.62 19.30 -3.95
C MET A 101 4.32 20.22 -2.82
N THR A 102 3.52 21.25 -3.08
CA THR A 102 3.39 22.31 -2.05
C THR A 102 1.98 22.60 -1.55
N VAL A 103 0.99 22.00 -2.14
CA VAL A 103 -0.39 22.29 -1.79
C VAL A 103 -1.06 20.99 -1.33
N LEU A 104 -1.60 21.07 -0.15
CA LEU A 104 -2.35 20.04 0.47
C LEU A 104 -3.71 19.92 -0.22
N HIS A 105 -4.12 18.69 -0.42
CA HIS A 105 -5.36 18.33 -1.06
C HIS A 105 -5.40 18.83 -2.49
N ALA A 106 -4.29 18.49 -3.17
CA ALA A 106 -4.03 18.80 -4.56
C ALA A 106 -3.44 17.59 -5.28
N GLY A 107 -4.14 17.10 -6.29
CA GLY A 107 -3.71 16.00 -7.11
C GLY A 107 -4.67 15.58 -8.20
N GLY A 108 -4.38 14.41 -8.79
CA GLY A 108 -5.07 13.88 -9.95
C GLY A 108 -5.92 12.67 -9.68
N LYS A 109 -6.29 12.49 -8.41
CA LYS A 109 -7.07 11.31 -8.02
C LYS A 109 -8.37 11.68 -7.40
N PHE A 110 -8.83 12.92 -7.58
CA PHE A 110 -10.14 13.28 -7.03
C PHE A 110 -11.33 12.89 -7.94
N ASP A 111 -11.01 12.42 -9.14
CA ASP A 111 -11.99 11.87 -10.09
C ASP A 111 -11.33 10.62 -10.56
N ASP A 112 -11.86 10.01 -11.60
CA ASP A 112 -11.26 8.78 -12.08
C ASP A 112 -10.75 8.87 -13.50
N ASN A 113 -10.47 10.08 -13.97
CA ASN A 113 -9.98 10.29 -15.32
C ASN A 113 -8.49 9.95 -15.50
N SER A 114 -7.66 10.08 -14.47
CA SER A 114 -6.22 9.84 -14.64
C SER A 114 -5.81 8.51 -14.06
N TYR A 115 -6.56 8.04 -13.07
CA TYR A 115 -6.31 6.76 -12.46
C TYR A 115 -7.69 6.22 -12.16
N LYS A 116 -8.06 5.16 -12.84
CA LYS A 116 -9.36 4.53 -12.59
C LYS A 116 -9.44 4.09 -11.13
N VAL A 117 -8.41 3.39 -10.64
CA VAL A 117 -8.34 2.96 -9.24
C VAL A 117 -6.97 3.39 -8.69
N SER A 118 -6.90 3.89 -7.45
CA SER A 118 -5.61 4.29 -6.93
C SER A 118 -5.54 4.28 -5.41
N GLY A 119 -4.34 4.02 -4.82
CA GLY A 119 -4.21 4.01 -3.33
C GLY A 119 -4.13 5.43 -2.82
N GLY A 120 -3.70 6.35 -3.65
CA GLY A 120 -3.78 7.75 -3.26
C GLY A 120 -5.23 8.20 -3.44
N LEU A 121 -5.60 9.25 -2.71
CA LEU A 121 -6.95 9.77 -2.74
C LEU A 121 -7.07 11.03 -1.93
N HIS A 122 -6.18 11.21 -0.94
CA HIS A 122 -6.23 12.43 -0.14
C HIS A 122 -5.64 13.65 -0.85
N GLY A 123 -4.84 13.48 -1.88
CA GLY A 123 -4.08 14.66 -2.42
C GLY A 123 -3.01 15.24 -1.52
N VAL A 124 -2.56 14.49 -0.50
CA VAL A 124 -1.55 15.03 0.42
C VAL A 124 -0.22 14.31 0.53
N GLY A 125 -0.16 13.03 0.11
CA GLY A 125 1.03 12.25 0.33
C GLY A 125 2.43 12.85 0.04
N VAL A 126 2.79 13.09 -1.23
CA VAL A 126 4.11 13.62 -1.48
C VAL A 126 4.37 15.02 -0.91
N SER A 127 3.30 15.82 -0.79
CA SER A 127 3.39 17.12 -0.25
C SER A 127 3.72 17.02 1.24
N VAL A 128 3.21 15.96 1.92
CA VAL A 128 3.57 15.69 3.30
C VAL A 128 5.04 15.24 3.36
N VAL A 129 5.49 14.43 2.41
CA VAL A 129 6.92 14.01 2.44
C VAL A 129 7.82 15.29 2.27
N ASN A 130 7.41 16.19 1.38
CA ASN A 130 8.13 17.36 1.16
C ASN A 130 8.27 18.22 2.40
N ALA A 131 7.11 18.44 3.01
CA ALA A 131 6.98 19.23 4.23
C ALA A 131 7.89 18.75 5.27
N LEU A 132 8.03 17.42 5.35
CA LEU A 132 8.83 16.80 6.46
C LEU A 132 10.28 16.42 6.01
N SER A 133 10.71 16.95 4.86
CA SER A 133 12.06 16.71 4.37
C SER A 133 12.88 17.95 4.49
N GLN A 134 14.06 17.83 5.07
CA GLN A 134 14.98 18.95 5.05
C GLN A 134 15.39 19.21 3.59
N LYS A 135 15.40 18.18 2.75
CA LYS A 135 15.62 18.43 1.36
C LYS A 135 14.87 17.45 0.53
N LEU A 136 14.48 17.91 -0.65
CA LEU A 136 13.85 17.06 -1.63
C LEU A 136 14.21 17.39 -3.06
N GLU A 137 14.43 16.38 -3.85
CA GLU A 137 14.81 16.53 -5.25
C GLU A 137 13.85 15.82 -6.13
N LEU A 138 13.36 16.55 -7.11
CA LEU A 138 12.40 16.11 -8.07
C LEU A 138 12.97 16.24 -9.47
N VAL A 139 12.93 15.12 -10.18
CA VAL A 139 13.35 14.99 -11.57
C VAL A 139 12.29 14.24 -12.34
N ILE A 140 11.73 14.89 -13.37
CA ILE A 140 10.60 14.41 -14.13
C ILE A 140 10.95 14.35 -15.60
N GLN A 141 10.79 13.17 -16.20
CA GLN A 141 10.89 13.04 -17.64
C GLN A 141 9.49 12.90 -18.28
N ARG A 142 9.07 13.93 -19.04
CA ARG A 142 7.83 13.93 -19.84
C ARG A 142 7.97 14.95 -21.01
N GLU A 143 7.16 14.78 -22.05
CA GLU A 143 6.96 15.79 -23.13
C GLU A 143 8.29 16.04 -23.80
N GLY A 144 9.09 14.98 -23.91
CA GLY A 144 10.43 15.09 -24.48
C GLY A 144 11.47 15.85 -23.68
N LYS A 145 11.15 16.32 -22.48
CA LYS A 145 12.11 17.05 -21.65
C LYS A 145 12.35 16.43 -20.22
N ILE A 146 13.54 16.67 -19.68
CA ILE A 146 13.91 16.42 -18.31
C ILE A 146 13.72 17.71 -17.54
N HIS A 147 12.97 17.62 -16.43
CA HIS A 147 12.77 18.77 -15.58
C HIS A 147 13.24 18.40 -14.21
N ARG A 148 13.52 19.41 -13.41
CA ARG A 148 14.15 19.23 -12.14
C ARG A 148 13.90 20.41 -11.26
N GLN A 149 13.69 20.13 -9.98
CA GLN A 149 13.42 21.14 -8.96
C GLN A 149 13.90 20.62 -7.61
N ILE A 150 14.33 21.55 -6.78
CA ILE A 150 14.84 21.27 -5.45
C ILE A 150 13.97 22.01 -4.44
N TYR A 151 13.74 21.40 -3.27
CA TYR A 151 13.02 21.99 -2.16
C TYR A 151 13.85 21.89 -0.87
N GLU A 152 13.65 22.81 0.05
CA GLU A 152 14.14 22.65 1.41
C GLU A 152 13.09 22.93 2.43
N HIS A 153 12.84 21.96 3.28
CA HIS A 153 11.68 22.08 4.19
C HIS A 153 10.39 22.50 3.46
N GLY A 154 10.19 21.90 2.30
CA GLY A 154 9.01 22.12 1.54
C GLY A 154 8.98 23.37 0.66
N VAL A 155 10.05 24.17 0.69
CA VAL A 155 10.07 25.48 0.01
C VAL A 155 10.84 25.29 -1.27
N PRO A 156 10.22 25.56 -2.45
CA PRO A 156 10.91 25.39 -3.74
C PRO A 156 12.07 26.37 -3.88
N GLN A 157 13.25 25.95 -4.34
CA GLN A 157 14.41 26.87 -4.38
C GLN A 157 14.44 27.65 -5.67
N ALA A 158 13.74 27.18 -6.66
CA ALA A 158 13.65 27.86 -7.91
C ALA A 158 12.51 27.18 -8.60
N PRO A 159 12.00 27.79 -9.69
CA PRO A 159 10.98 27.21 -10.53
C PRO A 159 11.39 25.88 -11.17
N LEU A 160 10.40 25.00 -11.44
CA LEU A 160 10.66 23.75 -12.15
C LEU A 160 11.40 24.19 -13.44
N ALA A 161 12.49 23.52 -13.80
CA ALA A 161 13.37 23.95 -14.91
C ALA A 161 13.72 22.78 -15.79
N VAL A 162 13.71 23.02 -17.09
CA VAL A 162 14.13 22.07 -18.10
C VAL A 162 15.65 22.02 -18.03
N THR A 163 16.20 20.82 -17.87
CA THR A 163 17.63 20.63 -17.87
C THR A 163 18.08 19.64 -18.99
N GLY A 164 17.20 19.18 -19.87
CA GLY A 164 17.63 18.30 -20.97
C GLY A 164 16.48 17.85 -21.85
N GLU A 165 16.84 17.20 -22.97
CA GLU A 165 15.92 16.37 -23.78
C GLU A 165 15.98 14.88 -23.34
N THR A 166 14.90 14.12 -23.58
CA THR A 166 14.89 12.65 -23.43
C THR A 166 13.70 11.99 -24.15
N GLU A 167 13.84 10.72 -24.50
CA GLU A 167 12.70 9.92 -24.96
C GLU A 167 11.88 9.26 -23.81
N LYS A 168 12.46 9.21 -22.62
CA LYS A 168 11.86 8.53 -21.46
C LYS A 168 10.77 9.38 -20.80
N THR A 169 9.91 8.71 -20.05
CA THR A 169 9.00 9.41 -19.14
C THR A 169 9.11 8.75 -17.80
N GLY A 170 8.86 9.50 -16.75
CA GLY A 170 9.03 8.93 -15.42
C GLY A 170 9.20 10.03 -14.42
N THR A 171 9.21 9.63 -13.14
CA THR A 171 9.36 10.55 -12.01
C THR A 171 10.42 9.94 -11.06
N MET A 172 11.29 10.85 -10.60
CA MET A 172 12.26 10.60 -9.59
C MET A 172 12.12 11.57 -8.42
N VAL A 173 11.83 10.99 -7.23
CA VAL A 173 11.83 11.75 -5.95
C VAL A 173 12.85 11.14 -4.99
N ARG A 174 13.73 12.03 -4.51
CA ARG A 174 14.73 11.78 -3.52
C ARG A 174 14.54 12.73 -2.38
N PHE A 175 14.47 12.19 -1.18
CA PHE A 175 14.25 13.04 -0.04
C PHE A 175 15.14 12.65 1.12
N TRP A 176 15.53 13.67 1.87
CA TRP A 176 16.26 13.54 3.12
C TRP A 176 15.33 14.00 4.23
N PRO A 177 14.89 13.08 5.09
CA PRO A 177 13.93 13.37 6.13
C PRO A 177 14.43 14.35 7.20
N SER A 178 13.56 15.23 7.68
CA SER A 178 13.99 16.20 8.68
C SER A 178 14.14 15.56 10.06
N LEU A 179 15.24 15.82 10.75
CA LEU A 179 15.40 15.30 12.11
C LEU A 179 14.81 16.25 13.16
N GLU A 180 14.29 17.36 12.75
CA GLU A 180 13.52 18.17 13.69
C GLU A 180 12.11 17.58 13.81
N THR A 181 11.75 16.69 12.88
CA THR A 181 10.51 15.93 12.96
C THR A 181 10.65 14.50 13.47
N PHE A 182 11.58 13.74 12.89
CA PHE A 182 11.68 12.30 13.25
C PHE A 182 12.75 12.11 14.31
N THR A 183 12.45 11.34 15.33
CA THR A 183 13.30 11.14 16.48
C THR A 183 13.37 9.65 16.74
N ASN A 184 14.36 9.24 17.53
CA ASN A 184 14.55 7.82 17.97
C ASN A 184 15.01 6.91 16.81
N VAL A 185 14.12 6.56 15.89
CA VAL A 185 14.51 5.85 14.66
C VAL A 185 14.67 6.87 13.54
N THR A 186 15.89 7.07 13.08
CA THR A 186 16.18 8.06 12.06
C THR A 186 16.88 7.51 10.85
N GLU A 187 17.27 6.26 10.86
CA GLU A 187 17.81 5.65 9.68
C GLU A 187 16.87 4.62 9.03
N PHE A 188 16.95 4.49 7.72
CA PHE A 188 16.07 3.60 7.02
C PHE A 188 16.55 2.17 7.19
N GLU A 189 15.62 1.27 7.39
CA GLU A 189 15.95 -0.14 7.58
C GLU A 189 15.60 -0.90 6.33
N TYR A 190 16.60 -1.54 5.79
CA TYR A 190 16.46 -2.30 4.55
C TYR A 190 15.28 -3.23 4.59
N GLU A 191 15.15 -3.95 5.69
CA GLU A 191 14.16 -5.03 5.78
C GLU A 191 12.70 -4.58 5.77
N ILE A 192 12.45 -3.42 6.35
CA ILE A 192 11.15 -2.79 6.35
C ILE A 192 10.74 -2.38 4.94
N LEU A 193 11.64 -1.75 4.20
CA LEU A 193 11.39 -1.41 2.82
C LEU A 193 11.29 -2.70 1.99
N ALA A 194 12.17 -3.68 2.24
CA ALA A 194 12.07 -4.94 1.48
C ALA A 194 10.71 -5.66 1.59
N LYS A 195 10.20 -5.77 2.82
CA LYS A 195 8.97 -6.53 3.07
C LYS A 195 7.86 -5.91 2.28
N ARG A 196 7.75 -4.57 2.33
CA ARG A 196 6.73 -3.88 1.63
C ARG A 196 6.84 -3.99 0.12
N LEU A 197 8.08 -3.95 -0.39
CA LEU A 197 8.26 -3.96 -1.81
C LEU A 197 8.04 -5.37 -2.38
N ARG A 198 8.48 -6.35 -1.63
CA ARG A 198 8.17 -7.76 -1.94
C ARG A 198 6.64 -7.98 -2.07
N GLU A 199 5.88 -7.49 -1.08
CA GLU A 199 4.46 -7.66 -1.07
C GLU A 199 3.82 -6.98 -2.25
N LEU A 200 4.24 -5.75 -2.52
CA LEU A 200 3.90 -5.08 -3.71
C LEU A 200 4.17 -5.82 -5.02
N SER A 201 5.25 -6.57 -5.12
CA SER A 201 5.49 -7.33 -6.33
C SER A 201 4.46 -8.45 -6.51
N PHE A 202 4.20 -9.23 -5.47
CA PHE A 202 3.12 -10.19 -5.57
C PHE A 202 1.81 -9.58 -6.04
N LEU A 203 1.56 -8.34 -5.60
CA LEU A 203 0.30 -7.66 -5.80
C LEU A 203 0.21 -7.02 -7.20
N ASN A 204 1.35 -6.87 -7.87
CA ASN A 204 1.52 -6.12 -9.16
C ASN A 204 2.46 -6.91 -10.08
N SER A 205 1.89 -8.01 -10.55
CA SER A 205 2.56 -8.93 -11.41
C SER A 205 3.05 -8.17 -12.67
N GLY A 206 4.25 -8.45 -13.14
CA GLY A 206 4.77 -7.70 -14.28
C GLY A 206 5.40 -6.31 -14.02
N VAL A 207 5.40 -5.81 -12.77
CA VAL A 207 6.10 -4.60 -12.46
C VAL A 207 7.38 -5.03 -11.83
N SER A 208 8.47 -4.61 -12.41
CA SER A 208 9.78 -4.95 -11.86
C SER A 208 10.02 -3.92 -10.70
N ILE A 209 10.32 -4.39 -9.51
CA ILE A 209 10.53 -3.48 -8.37
C ILE A 209 11.91 -3.79 -7.78
N ARG A 210 12.84 -2.85 -7.85
CA ARG A 210 14.19 -3.04 -7.33
C ARG A 210 14.42 -2.24 -6.06
N LEU A 211 15.26 -2.77 -5.20
CA LEU A 211 15.64 -2.15 -3.95
C LEU A 211 17.17 -2.24 -3.85
N ARG A 212 17.82 -1.09 -3.67
CA ARG A 212 19.30 -1.01 -3.59
C ARG A 212 19.72 -0.23 -2.35
N ASP A 213 20.68 -0.77 -1.62
CA ASP A 213 21.21 -0.16 -0.43
C ASP A 213 22.61 0.24 -0.78
N LYS A 214 22.82 1.53 -1.04
CA LYS A 214 24.17 2.08 -1.28
C LYS A 214 25.09 2.14 -0.06
N ARG A 215 24.59 1.77 1.11
CA ARG A 215 25.41 1.71 2.31
C ARG A 215 26.32 0.45 2.27
N ASP A 216 25.73 -0.72 2.07
CA ASP A 216 26.50 -1.93 1.95
C ASP A 216 26.41 -2.60 0.62
N GLY A 217 25.80 -2.01 -0.41
CA GLY A 217 25.65 -2.68 -1.74
C GLY A 217 24.68 -3.87 -1.85
N LYS A 218 23.93 -4.15 -0.78
CA LYS A 218 22.84 -5.14 -0.81
C LYS A 218 21.80 -4.70 -1.83
N GLU A 219 21.14 -5.66 -2.46
CA GLU A 219 20.27 -5.33 -3.56
C GLU A 219 19.18 -6.45 -3.73
N ASP A 220 17.98 -6.13 -4.14
CA ASP A 220 16.93 -7.14 -4.37
C ASP A 220 16.24 -6.69 -5.64
N HIS A 221 15.68 -7.70 -6.33
CA HIS A 221 14.89 -7.49 -7.53
C HIS A 221 13.59 -8.30 -7.39
N PHE A 222 12.47 -7.63 -7.18
CA PHE A 222 11.22 -8.41 -6.91
C PHE A 222 10.37 -8.36 -8.16
N HIS A 223 10.04 -9.54 -8.71
CA HIS A 223 9.30 -9.63 -9.96
C HIS A 223 8.55 -10.93 -9.96
N TYR A 224 7.85 -11.22 -8.87
CA TYR A 224 7.17 -12.49 -8.71
C TYR A 224 5.99 -12.52 -9.69
N GLU A 225 5.76 -13.68 -10.26
CA GLU A 225 4.65 -13.77 -11.23
C GLU A 225 3.38 -14.44 -10.75
N GLY A 226 3.40 -15.24 -9.71
CA GLY A 226 2.14 -15.93 -9.37
C GLY A 226 1.02 -15.17 -8.63
N GLY A 227 1.14 -13.87 -8.43
CA GLY A 227 0.03 -13.11 -7.84
C GLY A 227 -0.11 -13.41 -6.35
N ILE A 228 -1.29 -13.21 -5.79
CA ILE A 228 -1.44 -13.40 -4.33
C ILE A 228 -1.51 -14.86 -3.95
N LYS A 229 -1.68 -15.72 -4.95
CA LYS A 229 -1.61 -17.12 -4.67
C LYS A 229 -0.18 -17.51 -4.33
N ALA A 230 0.76 -17.05 -5.16
CA ALA A 230 2.18 -17.17 -4.87
C ALA A 230 2.55 -16.42 -3.62
N PHE A 231 1.88 -15.29 -3.38
CA PHE A 231 2.20 -14.59 -2.09
C PHE A 231 1.89 -15.53 -0.91
N VAL A 232 0.72 -16.17 -0.91
CA VAL A 232 0.42 -17.18 0.15
C VAL A 232 1.45 -18.33 0.25
N GLU A 233 1.94 -18.88 -0.86
CA GLU A 233 2.99 -19.94 -0.84
C GLU A 233 4.24 -19.44 -0.14
N TYR A 234 4.68 -18.27 -0.57
CA TYR A 234 5.81 -17.60 0.08
C TYR A 234 5.60 -17.52 1.59
N LEU A 235 4.44 -17.05 2.02
CA LEU A 235 4.19 -16.84 3.45
C LEU A 235 4.18 -18.15 4.26
N ASN A 236 3.91 -19.28 3.59
CA ASN A 236 3.92 -20.60 4.23
C ASN A 236 5.26 -21.39 4.00
N LYS A 237 6.18 -20.81 3.23
CA LYS A 237 7.51 -21.37 2.91
C LYS A 237 8.07 -22.21 4.04
N ASN A 238 8.18 -21.57 5.21
CA ASN A 238 8.80 -22.14 6.39
C ASN A 238 7.81 -22.32 7.49
N LYS A 239 6.57 -22.51 7.11
CA LYS A 239 5.58 -23.17 7.95
C LYS A 239 5.27 -24.48 7.24
N THR A 240 4.35 -25.27 7.80
CA THR A 240 3.98 -26.58 7.24
C THR A 240 2.50 -26.49 6.87
N PRO A 241 2.16 -26.27 5.57
CA PRO A 241 0.79 -26.33 5.10
C PRO A 241 0.21 -27.71 5.30
N ILE A 242 -1.05 -27.80 5.72
CA ILE A 242 -1.68 -29.07 6.05
C ILE A 242 -2.53 -29.51 4.86
N HIS A 243 -2.62 -28.69 3.83
CA HIS A 243 -3.40 -29.10 2.68
C HIS A 243 -2.83 -28.48 1.46
N PRO A 244 -2.85 -29.21 0.35
CA PRO A 244 -2.13 -28.77 -0.85
C PRO A 244 -2.79 -27.69 -1.69
N ASN A 245 -4.10 -27.57 -1.69
CA ASN A 245 -4.75 -26.66 -2.63
C ASN A 245 -5.06 -25.23 -2.05
N ILE A 246 -4.29 -24.24 -2.48
CA ILE A 246 -4.51 -22.89 -2.02
C ILE A 246 -5.81 -22.39 -2.66
N PHE A 247 -6.74 -21.90 -1.84
CA PHE A 247 -8.01 -21.35 -2.35
C PHE A 247 -7.67 -19.98 -2.84
N TYR A 248 -8.13 -19.65 -4.03
CA TYR A 248 -7.84 -18.44 -4.71
C TYR A 248 -9.02 -18.00 -5.59
N PHE A 249 -9.34 -16.71 -5.61
CA PHE A 249 -10.17 -16.15 -6.66
C PHE A 249 -9.90 -14.64 -6.84
N SER A 250 -10.13 -14.16 -8.05
CA SER A 250 -10.17 -12.75 -8.36
C SER A 250 -11.45 -12.38 -9.14
N THR A 251 -12.36 -11.63 -8.52
CA THR A 251 -13.53 -11.13 -9.26
C THR A 251 -13.68 -9.64 -9.22
N GLU A 252 -14.49 -9.13 -10.15
CA GLU A 252 -14.96 -7.77 -10.09
C GLU A 252 -16.45 -7.74 -10.41
N LYS A 253 -17.21 -7.28 -9.44
CA LYS A 253 -18.62 -7.14 -9.56
C LYS A 253 -19.02 -5.84 -8.87
N ASP A 254 -20.02 -5.20 -9.45
CA ASP A 254 -20.58 -3.99 -8.93
C ASP A 254 -19.50 -2.97 -8.72
N GLY A 255 -18.50 -2.97 -9.60
CA GLY A 255 -17.42 -1.98 -9.58
C GLY A 255 -16.38 -2.17 -8.46
N ILE A 256 -16.45 -3.29 -7.73
CA ILE A 256 -15.49 -3.60 -6.70
C ILE A 256 -14.76 -4.88 -7.03
N GLY A 257 -13.44 -4.81 -7.02
CA GLY A 257 -12.60 -5.98 -7.22
C GLY A 257 -12.32 -6.62 -5.91
N VAL A 258 -12.46 -7.93 -5.87
CA VAL A 258 -12.14 -8.70 -4.66
C VAL A 258 -11.28 -9.86 -5.08
N GLU A 259 -10.11 -9.95 -4.47
CA GLU A 259 -9.18 -11.00 -4.73
C GLU A 259 -8.72 -11.65 -3.42
N VAL A 260 -8.78 -12.97 -3.29
CA VAL A 260 -8.49 -13.64 -2.01
C VAL A 260 -7.68 -14.86 -2.30
N ALA A 261 -6.64 -15.09 -1.49
CA ALA A 261 -5.96 -16.39 -1.42
C ALA A 261 -5.80 -16.78 0.03
N LEU A 262 -5.91 -18.08 0.33
CA LEU A 262 -5.67 -18.56 1.68
C LEU A 262 -5.31 -20.04 1.71
N GLN A 263 -4.65 -20.42 2.79
CA GLN A 263 -4.21 -21.80 3.04
C GLN A 263 -3.92 -21.96 4.55
N TRP A 264 -4.24 -23.10 5.15
CA TRP A 264 -4.00 -23.31 6.54
C TRP A 264 -2.67 -24.09 6.66
N ASN A 265 -1.89 -23.70 7.68
CA ASN A 265 -0.72 -24.47 8.15
C ASN A 265 -1.02 -25.14 9.48
N ASP A 266 -0.05 -25.90 10.04
CA ASP A 266 -0.33 -26.70 11.26
C ASP A 266 0.00 -25.95 12.51
N GLY A 267 0.38 -24.68 12.34
CA GLY A 267 0.63 -23.78 13.44
C GLY A 267 -0.66 -23.30 14.04
N PHE A 268 -0.53 -22.33 14.92
CA PHE A 268 -1.63 -21.85 15.75
C PHE A 268 -1.86 -20.34 15.66
N GLN A 269 -1.12 -19.61 14.83
CA GLN A 269 -1.34 -18.16 14.62
C GLN A 269 -2.31 -17.89 13.43
N GLU A 270 -2.94 -16.72 13.46
CA GLU A 270 -3.68 -16.20 12.34
C GLU A 270 -2.97 -14.99 11.70
N ASN A 271 -2.76 -15.05 10.38
CA ASN A 271 -2.09 -13.97 9.69
C ASN A 271 -2.90 -13.64 8.47
N ILE A 272 -3.74 -12.62 8.58
CA ILE A 272 -4.52 -12.09 7.46
C ILE A 272 -4.04 -10.72 7.00
N TYR A 273 -3.52 -10.65 5.77
CA TYR A 273 -3.14 -9.43 5.12
C TYR A 273 -4.31 -8.87 4.31
N CYS A 274 -4.73 -7.65 4.68
CA CYS A 274 -5.70 -6.91 3.92
C CYS A 274 -5.08 -5.76 3.20
N PHE A 275 -5.54 -5.52 1.95
CA PHE A 275 -5.10 -4.42 1.15
C PHE A 275 -6.28 -3.71 0.44
N THR A 276 -6.19 -2.40 0.28
CA THR A 276 -7.15 -1.64 -0.50
C THR A 276 -6.37 -0.85 -1.54
N ASN A 277 -6.72 -1.10 -2.80
CA ASN A 277 -5.96 -0.55 -3.90
C ASN A 277 -4.46 -0.58 -3.69
N ASN A 278 -3.97 -1.74 -3.22
CA ASN A 278 -2.54 -2.00 -2.88
C ASN A 278 -1.95 -1.41 -1.53
N ILE A 279 -2.76 -0.66 -0.81
CA ILE A 279 -2.31 -0.05 0.49
C ILE A 279 -2.68 -0.98 1.64
N PRO A 280 -1.76 -1.30 2.54
CA PRO A 280 -2.11 -2.28 3.59
C PRO A 280 -2.97 -1.66 4.67
N GLN A 281 -3.86 -2.43 5.30
CA GLN A 281 -4.60 -1.96 6.46
C GLN A 281 -4.15 -2.73 7.68
N ARG A 282 -3.25 -2.14 8.47
N ARG A 282 -3.25 -2.15 8.46
CA ARG A 282 -2.78 -2.77 9.70
CA ARG A 282 -2.80 -2.77 9.75
C ARG A 282 -3.95 -3.04 10.65
C ARG A 282 -4.00 -3.09 10.62
N ASP A 283 -4.96 -2.17 10.62
CA ASP A 283 -6.12 -2.30 11.50
C ASP A 283 -7.33 -2.84 10.85
N GLY A 284 -7.16 -3.42 9.64
CA GLY A 284 -8.21 -4.16 9.00
C GLY A 284 -9.34 -3.32 8.47
N GLY A 285 -10.56 -3.70 8.82
CA GLY A 285 -11.71 -2.98 8.37
C GLY A 285 -12.79 -3.82 7.72
N THR A 286 -13.52 -3.19 6.79
CA THR A 286 -14.75 -3.73 6.25
C THR A 286 -14.49 -4.94 5.30
N HIS A 287 -13.35 -4.89 4.61
CA HIS A 287 -12.89 -6.10 3.89
C HIS A 287 -12.59 -7.30 4.74
N LEU A 288 -11.91 -7.07 5.85
CA LEU A 288 -11.64 -8.11 6.83
C LEU A 288 -12.95 -8.64 7.42
N ALA A 289 -13.89 -7.75 7.70
CA ALA A 289 -15.09 -8.18 8.39
C ALA A 289 -15.93 -9.01 7.41
N GLY A 290 -15.92 -8.65 6.13
CA GLY A 290 -16.62 -9.45 5.10
C GLY A 290 -16.00 -10.81 4.92
N PHE A 291 -14.65 -10.86 4.86
CA PHE A 291 -13.91 -12.12 4.84
C PHE A 291 -14.33 -13.06 6.01
N ARG A 292 -14.27 -12.54 7.24
CA ARG A 292 -14.61 -13.34 8.38
C ARG A 292 -16.04 -13.78 8.35
N ALA A 293 -16.97 -12.90 8.01
CA ALA A 293 -18.34 -13.34 7.94
C ALA A 293 -18.51 -14.49 6.93
N ALA A 294 -17.92 -14.37 5.75
CA ALA A 294 -18.07 -15.43 4.73
C ALA A 294 -17.37 -16.75 5.13
N MET A 295 -16.22 -16.64 5.79
CA MET A 295 -15.54 -17.80 6.26
C MET A 295 -16.42 -18.59 7.25
N THR A 296 -16.90 -17.92 8.30
CA THR A 296 -17.88 -18.47 9.22
C THR A 296 -19.09 -19.09 8.55
N ARG A 297 -19.81 -18.33 7.72
CA ARG A 297 -21.00 -18.86 7.10
C ARG A 297 -20.72 -20.09 6.22
N THR A 298 -19.66 -20.01 5.43
CA THR A 298 -19.37 -21.06 4.45
C THR A 298 -18.93 -22.39 5.11
N LEU A 299 -18.07 -22.33 6.11
CA LEU A 299 -17.64 -23.49 6.82
C LEU A 299 -18.78 -24.12 7.62
N ASN A 300 -19.68 -23.29 8.18
CA ASN A 300 -20.78 -23.84 9.00
C ASN A 300 -21.79 -24.50 8.11
N ALA A 301 -22.02 -23.94 6.93
CA ALA A 301 -22.88 -24.68 5.96
C ALA A 301 -22.21 -25.98 5.50
N TYR A 302 -20.88 -25.97 5.40
CA TYR A 302 -20.21 -27.21 4.95
C TYR A 302 -20.30 -28.29 6.03
N MET A 303 -20.23 -27.89 7.30
CA MET A 303 -20.39 -28.79 8.39
C MET A 303 -21.83 -29.30 8.58
N ASP A 304 -22.83 -28.42 8.48
CA ASP A 304 -24.21 -28.86 8.47
C ASP A 304 -24.33 -29.93 7.39
N LYS A 305 -23.94 -29.60 6.17
CA LYS A 305 -24.19 -30.52 5.07
C LYS A 305 -23.48 -31.85 5.17
N GLU A 306 -22.32 -31.90 5.83
CA GLU A 306 -21.51 -33.13 5.86
C GLU A 306 -21.77 -33.93 7.12
N GLY A 307 -22.81 -33.56 7.85
CA GLY A 307 -23.26 -34.36 8.99
C GLY A 307 -22.56 -34.09 10.29
N TYR A 308 -21.71 -33.08 10.32
CA TYR A 308 -21.14 -32.61 11.59
C TYR A 308 -22.26 -32.02 12.46
N ARG A 322 -9.55 -19.68 12.47
CA ARG A 322 -8.48 -18.76 12.76
C ARG A 322 -7.15 -19.41 12.88
N GLU A 323 -7.00 -20.44 13.74
CA GLU A 323 -5.67 -20.97 13.99
C GLU A 323 -5.06 -21.64 12.77
N GLY A 324 -3.82 -21.30 12.51
CA GLY A 324 -3.10 -21.81 11.38
C GLY A 324 -3.45 -21.18 10.02
N LEU A 325 -4.31 -20.18 10.01
CA LEU A 325 -4.69 -19.50 8.76
C LEU A 325 -3.71 -18.43 8.27
N ILE A 326 -3.34 -18.54 6.99
CA ILE A 326 -2.78 -17.44 6.23
C ILE A 326 -3.68 -17.05 5.05
N ALA A 327 -3.98 -15.76 4.94
CA ALA A 327 -4.92 -15.27 3.96
C ALA A 327 -4.48 -13.89 3.52
N VAL A 328 -4.72 -13.58 2.25
CA VAL A 328 -4.47 -12.27 1.66
C VAL A 328 -5.79 -11.86 1.04
N VAL A 329 -6.22 -10.65 1.35
CA VAL A 329 -7.49 -10.16 0.88
C VAL A 329 -7.10 -8.85 0.28
N SER A 330 -7.33 -8.74 -1.02
CA SER A 330 -7.04 -7.51 -1.78
C SER A 330 -8.23 -7.02 -2.50
N VAL A 331 -8.65 -5.77 -2.23
CA VAL A 331 -9.78 -5.11 -2.93
C VAL A 331 -9.36 -3.89 -3.71
N LYS A 332 -10.10 -3.66 -4.80
CA LYS A 332 -9.96 -2.56 -5.68
C LYS A 332 -11.27 -1.84 -5.65
N VAL A 333 -11.18 -0.59 -5.19
CA VAL A 333 -12.38 0.20 -4.96
C VAL A 333 -12.24 1.60 -5.50
N PRO A 334 -13.29 2.09 -6.17
CA PRO A 334 -13.16 3.42 -6.82
C PRO A 334 -12.96 4.62 -5.85
N ASP A 335 -13.66 4.67 -4.71
CA ASP A 335 -13.40 5.76 -3.70
C ASP A 335 -13.52 5.18 -2.30
N PRO A 336 -12.49 4.48 -1.83
CA PRO A 336 -12.55 3.94 -0.50
C PRO A 336 -12.48 5.07 0.50
N LYS A 337 -12.79 4.69 1.74
CA LYS A 337 -12.82 5.62 2.88
C LYS A 337 -11.96 5.00 3.98
N PHE A 338 -10.91 5.72 4.38
CA PHE A 338 -10.05 5.41 5.51
C PHE A 338 -10.21 6.44 6.65
N SER A 339 -9.98 6.00 7.89
CA SER A 339 -10.34 6.78 9.08
C SER A 339 -9.12 7.56 9.64
N SER A 340 -8.02 7.56 8.86
CA SER A 340 -6.81 8.32 9.14
C SER A 340 -6.07 8.55 7.86
N GLN A 341 -5.17 9.53 7.84
N GLN A 341 -5.19 9.51 7.89
CA GLN A 341 -4.37 9.77 6.60
CA GLN A 341 -4.40 9.82 6.72
C GLN A 341 -3.57 8.58 6.24
C GLN A 341 -3.55 8.65 6.29
N THR A 342 -3.13 7.80 7.25
CA THR A 342 -2.21 6.68 6.96
C THR A 342 -2.88 5.39 6.51
N LYS A 343 -4.21 5.36 6.49
CA LYS A 343 -4.98 4.31 5.82
C LYS A 343 -4.95 2.93 6.49
N ASP A 344 -4.93 2.90 7.82
CA ASP A 344 -4.74 1.66 8.59
C ASP A 344 -6.03 0.84 8.65
N LYS A 345 -7.16 1.50 8.44
CA LYS A 345 -8.46 0.90 8.52
C LYS A 345 -9.36 1.39 7.39
N LEU A 346 -9.87 0.45 6.61
CA LEU A 346 -10.82 0.73 5.58
C LEU A 346 -12.19 0.70 6.26
N VAL A 347 -12.98 1.72 6.01
CA VAL A 347 -14.25 1.93 6.70
C VAL A 347 -15.41 2.10 5.74
N SER A 348 -15.26 1.60 4.50
CA SER A 348 -16.36 1.63 3.47
C SER A 348 -17.25 0.36 3.64
N SER A 349 -18.46 0.53 4.14
CA SER A 349 -19.29 -0.61 4.51
C SER A 349 -19.77 -1.44 3.34
N GLU A 350 -19.91 -0.84 2.18
CA GLU A 350 -20.30 -1.61 0.95
C GLU A 350 -19.20 -2.59 0.53
N VAL A 351 -17.97 -2.41 1.05
CA VAL A 351 -16.94 -3.34 0.74
C VAL A 351 -17.09 -4.58 1.58
N LYS A 352 -17.57 -4.46 2.80
CA LYS A 352 -17.96 -5.69 3.54
C LYS A 352 -18.87 -6.62 2.73
N SER A 353 -19.94 -6.07 2.16
CA SER A 353 -20.93 -6.93 1.49
C SER A 353 -20.35 -7.56 0.26
N ALA A 354 -19.44 -6.85 -0.39
CA ALA A 354 -18.87 -7.30 -1.63
C ALA A 354 -17.92 -8.50 -1.43
N VAL A 355 -17.09 -8.41 -0.41
CA VAL A 355 -16.12 -9.46 -0.15
C VAL A 355 -16.89 -10.67 0.39
N GLU A 356 -17.88 -10.38 1.23
CA GLU A 356 -18.62 -11.42 1.85
C GLU A 356 -19.41 -12.25 0.83
N GLN A 357 -20.12 -11.62 -0.09
CA GLN A 357 -20.83 -12.43 -1.11
C GLN A 357 -19.92 -13.10 -2.15
N GLN A 358 -18.79 -12.49 -2.51
CA GLN A 358 -17.90 -13.13 -3.51
C GLN A 358 -17.26 -14.30 -2.90
N MET A 359 -16.87 -14.15 -1.65
CA MET A 359 -16.24 -15.23 -0.94
C MET A 359 -17.17 -16.41 -0.59
N ASN A 360 -18.37 -16.11 -0.07
CA ASN A 360 -19.38 -17.12 0.13
C ASN A 360 -19.52 -17.97 -1.11
N GLU A 361 -19.68 -17.31 -2.23
CA GLU A 361 -19.92 -18.03 -3.42
C GLU A 361 -18.72 -18.89 -3.83
N LEU A 362 -17.54 -18.31 -3.93
CA LEU A 362 -16.40 -19.07 -4.40
C LEU A 362 -15.78 -20.06 -3.37
N LEU A 363 -15.83 -19.73 -2.10
CA LEU A 363 -15.31 -20.62 -1.10
C LEU A 363 -16.16 -21.89 -1.00
N ALA A 364 -17.48 -21.79 -1.19
CA ALA A 364 -18.35 -22.96 -1.12
C ALA A 364 -18.04 -23.89 -2.30
N GLU A 365 -17.85 -23.32 -3.50
CA GLU A 365 -17.32 -24.02 -4.67
C GLU A 365 -15.92 -24.66 -4.37
N TYR A 366 -14.96 -23.89 -3.86
CA TYR A 366 -13.73 -24.56 -3.47
C TYR A 366 -13.88 -25.83 -2.55
N LEU A 367 -14.80 -25.79 -1.61
CA LEU A 367 -14.92 -26.87 -0.65
C LEU A 367 -15.56 -28.08 -1.39
N LEU A 368 -16.46 -27.82 -2.34
CA LEU A 368 -17.09 -28.91 -3.10
C LEU A 368 -16.13 -29.57 -4.04
N GLU A 369 -15.24 -28.74 -4.63
CA GLU A 369 -14.32 -29.15 -5.66
C GLU A 369 -13.09 -29.79 -5.05
N ASN A 370 -12.77 -29.55 -3.77
CA ASN A 370 -11.60 -30.18 -3.14
C ASN A 370 -11.93 -30.83 -1.78
N PRO A 371 -12.71 -31.90 -1.80
CA PRO A 371 -13.26 -32.53 -0.60
C PRO A 371 -12.19 -32.93 0.42
N THR A 372 -11.04 -33.31 -0.07
CA THR A 372 -9.90 -33.65 0.76
C THR A 372 -9.38 -32.49 1.53
N ASP A 373 -9.13 -31.37 0.84
CA ASP A 373 -8.70 -30.16 1.56
C ASP A 373 -9.73 -29.77 2.60
N ALA A 374 -11.00 -29.88 2.20
CA ALA A 374 -12.11 -29.46 3.02
C ALA A 374 -12.11 -30.17 4.34
N LYS A 375 -11.89 -31.47 4.28
CA LYS A 375 -11.89 -32.31 5.46
C LYS A 375 -10.70 -32.03 6.36
N ILE A 376 -9.53 -31.93 5.79
CA ILE A 376 -8.35 -31.56 6.61
C ILE A 376 -8.60 -30.23 7.37
N VAL A 377 -9.10 -29.24 6.65
CA VAL A 377 -9.28 -27.93 7.23
C VAL A 377 -10.32 -27.97 8.32
N VAL A 378 -11.46 -28.59 8.03
CA VAL A 378 -12.53 -28.65 9.02
C VAL A 378 -12.05 -29.48 10.22
N GLY A 379 -11.22 -30.46 9.95
CA GLY A 379 -10.63 -31.26 11.06
C GLY A 379 -9.73 -30.44 12.00
N LYS A 380 -8.90 -29.57 11.43
CA LYS A 380 -8.10 -28.68 12.32
C LYS A 380 -9.02 -27.79 13.16
N ILE A 381 -10.05 -27.25 12.53
CA ILE A 381 -10.99 -26.36 13.22
C ILE A 381 -11.65 -27.04 14.44
N ILE A 382 -12.14 -28.25 14.22
CA ILE A 382 -12.75 -29.08 15.27
C ILE A 382 -11.76 -29.49 16.34
N ASP A 383 -10.56 -29.94 15.94
CA ASP A 383 -9.48 -30.17 16.91
C ASP A 383 -9.26 -29.02 17.86
N ALA A 384 -9.28 -27.78 17.37
CA ALA A 384 -9.15 -26.66 18.31
C ALA A 384 -10.35 -26.56 19.26
N ALA A 385 -11.54 -26.76 18.74
CA ALA A 385 -12.73 -26.70 19.60
C ALA A 385 -12.67 -27.80 20.70
N ARG A 386 -12.30 -29.01 20.31
CA ARG A 386 -12.17 -30.11 21.24
C ARG A 386 -11.14 -29.87 22.32
N ALA A 387 -10.03 -29.23 21.94
CA ALA A 387 -8.90 -28.94 22.82
C ALA A 387 -9.32 -28.02 23.97
N ARG A 388 -10.12 -27.02 23.67
CA ARG A 388 -10.66 -26.10 24.70
C ARG A 388 -11.57 -26.91 25.64
N GLU A 389 -12.60 -27.49 25.03
CA GLU A 389 -13.48 -28.44 25.69
C GLU A 389 -12.75 -29.49 26.56
N ALA A 390 -11.72 -30.16 26.06
CA ALA A 390 -10.91 -31.05 26.94
C ALA A 390 -10.27 -30.28 28.10
N ALA A 391 -9.91 -28.99 27.89
CA ALA A 391 -9.44 -28.12 29.01
C ALA A 391 -10.53 -27.79 30.06
N ARG A 392 -11.64 -27.17 29.66
CA ARG A 392 -12.76 -26.92 30.57
C ARG A 392 -13.48 -28.23 30.93
PB ADP B . -2.64 11.66 -4.02
O1B ADP B . -3.47 11.25 -2.79
O2B ADP B . -3.38 12.40 -5.11
O3B ADP B . -1.73 10.49 -4.42
PA ADP B . -0.13 13.19 -3.54
O1A ADP B . 0.07 14.56 -3.01
O2A ADP B . 0.78 12.15 -3.08
O3A ADP B . -1.71 12.82 -3.41
O5' ADP B . 0.05 13.37 -5.17
C5' ADP B . -0.66 14.42 -5.85
C4' ADP B . -0.72 14.06 -7.34
O4' ADP B . 0.59 14.16 -7.97
C3' ADP B . -1.21 12.65 -7.60
O3' ADP B . -2.62 12.55 -7.54
C2' ADP B . -0.69 12.49 -9.01
O2' ADP B . -1.55 13.14 -9.95
C1' ADP B . 0.65 13.20 -9.02
N9 ADP B . 1.74 12.28 -8.83
C8 ADP B . 2.35 12.04 -7.68
N7 ADP B . 3.31 11.15 -7.83
C5 ADP B . 3.35 10.77 -9.12
C6 ADP B . 4.18 9.89 -9.92
N6 ADP B . 5.15 9.13 -9.41
N1 ADP B . 3.94 9.82 -11.23
C2 ADP B . 2.96 10.55 -11.79
N3 ADP B . 2.20 11.39 -11.11
C4 ADP B . 2.34 11.53 -9.78
MG MG C . -0.06 10.02 -3.02
#